data_6Z2O
#
_entry.id   6Z2O
#
_cell.length_a   65.379
_cell.length_b   70.170
_cell.length_c   94.668
_cell.angle_alpha   90.000
_cell.angle_beta   90.000
_cell.angle_gamma   90.000
#
_symmetry.space_group_name_H-M   'P 21 21 21'
#
loop_
_entity.id
_entity.type
_entity.pdbx_description
1 polymer 'O-glycan protease'
2 non-polymer 1,2-ETHANEDIOL
3 non-polymer 'ZINC ION'
4 water water
#
_entity_poly.entity_id   1
_entity_poly.type   'polypeptide(L)'
_entity_poly.pdbx_seq_one_letter_code
;MEVTVPDALKDRIALKKTARQLNIVYFLGSDTEPVPDYERRLSELLLYLQQFYGKEMQRHGYGARSFGLDIKSPGRVNII
EYKAKNPAAHYPYENGGGWKAAQELDEFFKAHPDRKKSQHTLIIMPTWNDEKNGPDNPGGVPFYGMGRNCFALDYPAFDI
KHLGQKTREGRLLTKWYGGMAHELGHGLNLPHNHQTASDGKKYGTALMGSGNYTFGTSPTFLTPASCALLDACEVFSVTP
SQQFYEGKPEVEVGDVAISFKGDQILVSGNYKSPQTVKALNVYIQDPPYAVNQDYDAVSFSRRLGKKSGKFSMKIDKKEL
EGLNNNEFRISLMFILANGLHMQKHFTFHWDALQDYRDGSKSGSGHHHHHH
;
_entity_poly.pdbx_strand_id   A
#
loop_
_chem_comp.id
_chem_comp.type
_chem_comp.name
_chem_comp.formula
EDO non-polymer 1,2-ETHANEDIOL 'C2 H6 O2'
ZN non-polymer 'ZINC ION' 'Zn 2'
#
# COMPACT_ATOMS: atom_id res chain seq x y z
N GLU A 2 22.19 24.50 -0.79
CA GLU A 2 20.89 25.01 -0.38
C GLU A 2 19.74 24.20 -0.96
N VAL A 3 18.66 24.04 -0.20
CA VAL A 3 17.53 23.23 -0.64
C VAL A 3 16.74 23.99 -1.69
N THR A 4 16.44 23.32 -2.80
CA THR A 4 15.48 23.81 -3.78
C THR A 4 14.37 22.78 -3.90
N VAL A 5 13.20 23.27 -4.30
CA VAL A 5 12.02 22.45 -4.47
C VAL A 5 11.92 22.07 -5.95
N PRO A 6 11.92 20.78 -6.30
CA PRO A 6 11.71 20.41 -7.69
C PRO A 6 10.31 20.81 -8.16
N ASP A 7 10.20 21.07 -9.46
CA ASP A 7 8.93 21.54 -10.00
C ASP A 7 7.78 20.59 -9.66
N ALA A 8 8.06 19.29 -9.61
CA ALA A 8 7.04 18.31 -9.29
C ALA A 8 6.46 18.50 -7.89
N LEU A 9 7.14 19.23 -7.02
CA LEU A 9 6.65 19.43 -5.66
C LEU A 9 6.15 20.85 -5.41
N LYS A 10 6.10 21.71 -6.43
CA LYS A 10 5.58 23.06 -6.22
C LYS A 10 4.10 23.00 -5.84
N ASP A 11 3.36 22.05 -6.39
CA ASP A 11 1.96 21.81 -6.10
C ASP A 11 1.94 20.71 -5.04
N ARG A 12 1.64 21.09 -3.81
CA ARG A 12 1.70 20.17 -2.68
C ARG A 12 0.78 20.69 -1.59
N ILE A 13 0.13 19.77 -0.88
CA ILE A 13 -0.79 20.13 0.18
C ILE A 13 -0.09 20.00 1.53
N ALA A 14 -0.48 20.86 2.47
CA ALA A 14 -0.08 20.70 3.85
C ALA A 14 -0.77 19.49 4.46
N LEU A 15 0.00 18.61 5.08
CA LEU A 15 -0.53 17.37 5.60
C LEU A 15 -0.72 17.44 7.11
N LYS A 16 -1.73 16.72 7.59
CA LYS A 16 -1.98 16.61 9.02
C LYS A 16 -0.78 15.96 9.70
N LYS A 17 -0.46 16.43 10.90
CA LYS A 17 0.58 15.79 11.67
C LYS A 17 0.12 14.41 12.12
N THR A 18 1.01 13.42 11.98
CA THR A 18 0.69 12.05 12.32
C THR A 18 1.27 11.67 13.66
N ALA A 19 0.68 10.62 14.25
CA ALA A 19 1.13 10.11 15.54
C ALA A 19 2.21 9.07 15.42
N ARG A 20 2.40 8.51 14.22
CA ARG A 20 3.36 7.47 13.95
C ARG A 20 3.89 7.73 12.54
N GLN A 21 5.17 7.41 12.30
CA GLN A 21 5.79 7.71 11.02
C GLN A 21 6.44 6.47 10.41
N LEU A 22 6.34 6.38 9.09
CA LEU A 22 7.04 5.34 8.34
C LEU A 22 8.53 5.54 8.48
N ASN A 23 9.23 4.51 8.96
CA ASN A 23 10.68 4.59 9.08
C ASN A 23 11.31 4.39 7.71
N ILE A 24 12.31 5.21 7.39
CA ILE A 24 13.08 5.08 6.15
C ILE A 24 14.50 4.66 6.51
N VAL A 25 14.91 3.47 6.05
CA VAL A 25 16.25 2.95 6.29
C VAL A 25 16.96 2.81 4.95
N TYR A 26 18.14 3.40 4.85
CA TYR A 26 19.03 3.20 3.72
C TYR A 26 20.03 2.12 4.14
N PHE A 27 19.89 0.93 3.56
CA PHE A 27 20.52 -0.28 4.06
C PHE A 27 21.74 -0.59 3.19
N LEU A 28 22.93 -0.52 3.78
CA LEU A 28 24.19 -0.67 3.06
C LEU A 28 24.88 -1.96 3.49
N GLY A 29 25.12 -2.87 2.56
CA GLY A 29 26.00 -3.99 2.85
C GLY A 29 27.34 -3.51 3.37
N SER A 30 28.03 -4.38 4.10
CA SER A 30 29.30 -3.98 4.70
C SER A 30 30.33 -3.56 3.66
N ASP A 31 30.13 -3.99 2.41
CA ASP A 31 30.99 -3.67 1.29
C ASP A 31 30.36 -2.68 0.32
N THR A 32 29.28 -2.00 0.71
CA THR A 32 28.46 -1.23 -0.22
C THR A 32 28.55 0.26 0.08
N GLU A 33 28.80 1.06 -0.98
CA GLU A 33 28.80 2.51 -0.83
C GLU A 33 27.40 3.06 -1.13
N PRO A 34 27.03 4.16 -0.47
CA PRO A 34 25.77 4.82 -0.83
C PRO A 34 25.82 5.37 -2.24
N VAL A 35 24.66 5.40 -2.88
CA VAL A 35 24.55 6.07 -4.18
C VAL A 35 24.60 7.57 -3.96
N PRO A 36 25.43 8.32 -4.69
CA PRO A 36 25.64 9.73 -4.36
C PRO A 36 24.33 10.52 -4.37
N ASP A 37 24.24 11.49 -3.46
CA ASP A 37 23.14 12.44 -3.36
C ASP A 37 21.83 11.78 -2.95
N TYR A 38 21.88 10.62 -2.27
CA TYR A 38 20.65 9.91 -1.96
C TYR A 38 19.77 10.68 -0.99
N GLU A 39 20.34 11.48 -0.09
CA GLU A 39 19.50 12.22 0.83
C GLU A 39 18.55 13.14 0.08
N ARG A 40 19.08 13.90 -0.89
CA ARG A 40 18.21 14.76 -1.68
C ARG A 40 17.28 13.95 -2.57
N ARG A 41 17.84 13.02 -3.34
CA ARG A 41 17.03 12.31 -4.34
C ARG A 41 15.91 11.53 -3.68
N LEU A 42 16.22 10.77 -2.62
CA LEU A 42 15.18 9.98 -1.97
C LEU A 42 14.20 10.86 -1.20
N SER A 43 14.67 11.94 -0.58
CA SER A 43 13.71 12.84 0.07
C SER A 43 12.69 13.37 -0.91
N GLU A 44 13.14 13.81 -2.09
CA GLU A 44 12.22 14.33 -3.10
C GLU A 44 11.24 13.25 -3.53
N LEU A 45 11.73 12.04 -3.77
CA LEU A 45 10.83 11.00 -4.25
C LEU A 45 9.85 10.57 -3.16
N LEU A 46 10.32 10.49 -1.90
CA LEU A 46 9.42 10.11 -0.81
C LEU A 46 8.40 11.20 -0.54
N LEU A 47 8.81 12.47 -0.60
CA LEU A 47 7.84 13.54 -0.37
C LEU A 47 6.80 13.61 -1.48
N TYR A 48 7.19 13.33 -2.73
CA TYR A 48 6.20 13.31 -3.81
C TYR A 48 5.25 12.12 -3.65
N LEU A 49 5.78 10.96 -3.26
CA LEU A 49 4.93 9.81 -3.00
C LEU A 49 3.96 10.10 -1.85
N GLN A 50 4.44 10.80 -0.82
CA GLN A 50 3.58 11.16 0.30
C GLN A 50 2.46 12.07 -0.17
N GLN A 51 2.77 12.98 -1.11
CA GLN A 51 1.73 13.84 -1.69
C GLN A 51 0.69 13.03 -2.44
N PHE A 52 1.12 12.03 -3.21
CA PHE A 52 0.17 11.22 -3.95
C PHE A 52 -0.82 10.54 -3.01
N TYR A 53 -0.30 9.88 -1.97
CA TYR A 53 -1.17 9.20 -1.03
C TYR A 53 -2.08 10.20 -0.32
N GLY A 54 -1.52 11.35 0.07
CA GLY A 54 -2.32 12.33 0.80
C GLY A 54 -3.40 12.98 -0.05
N LYS A 55 -3.08 13.34 -1.30
CA LYS A 55 -4.09 13.92 -2.18
C LYS A 55 -5.19 12.92 -2.49
N GLU A 56 -4.85 11.63 -2.59
CA GLU A 56 -5.90 10.64 -2.84
C GLU A 56 -6.78 10.45 -1.60
N MET A 57 -6.17 10.42 -0.41
CA MET A 57 -6.96 10.36 0.80
C MET A 57 -7.88 11.57 0.89
N GLN A 58 -7.38 12.75 0.54
CA GLN A 58 -8.21 13.95 0.56
C GLN A 58 -9.35 13.85 -0.44
N ARG A 59 -9.05 13.37 -1.66
CA ARG A 59 -10.11 13.19 -2.67
C ARG A 59 -11.22 12.27 -2.18
N HIS A 60 -10.89 11.28 -1.36
CA HIS A 60 -11.87 10.33 -0.87
C HIS A 60 -12.54 10.75 0.44
N GLY A 61 -12.29 11.97 0.90
CA GLY A 61 -13.01 12.50 2.04
C GLY A 61 -12.35 12.36 3.38
N TYR A 62 -11.08 11.98 3.43
CA TYR A 62 -10.39 11.78 4.68
C TYR A 62 -9.60 12.99 5.14
N GLY A 63 -9.65 14.10 4.40
CA GLY A 63 -8.79 15.21 4.67
C GLY A 63 -7.38 14.95 4.19
N ALA A 64 -6.47 15.84 4.55
CA ALA A 64 -5.10 15.82 4.03
C ALA A 64 -4.24 14.91 4.91
N ARG A 65 -4.49 13.61 4.77
CA ARG A 65 -3.83 12.59 5.57
C ARG A 65 -2.98 11.71 4.67
N SER A 66 -1.68 11.65 4.97
CA SER A 66 -0.80 10.71 4.29
C SER A 66 -0.04 9.90 5.32
N PHE A 67 0.86 9.03 4.86
CA PHE A 67 1.73 8.35 5.82
C PHE A 67 2.68 9.37 6.41
N GLY A 68 2.99 9.22 7.69
CA GLY A 68 3.90 10.14 8.33
C GLY A 68 5.34 9.91 7.92
N LEU A 69 6.12 11.00 7.91
CA LEU A 69 7.55 10.93 7.70
C LEU A 69 8.22 11.83 8.73
N ASP A 70 9.31 11.35 9.30
CA ASP A 70 10.15 12.16 10.17
C ASP A 70 10.97 13.11 9.29
N ILE A 71 10.76 14.42 9.45
CA ILE A 71 11.41 15.44 8.62
C ILE A 71 12.59 16.03 9.39
N LYS A 72 13.78 15.98 8.78
CA LYS A 72 15.01 16.48 9.42
C LYS A 72 15.16 17.98 9.24
N SER A 73 14.84 18.47 8.06
CA SER A 73 14.90 19.88 7.69
C SER A 73 14.04 20.06 6.46
N PRO A 74 13.76 21.31 6.04
CA PRO A 74 12.85 21.51 4.91
C PRO A 74 13.25 20.70 3.69
N GLY A 75 12.29 19.94 3.16
CA GLY A 75 12.56 19.11 2.01
C GLY A 75 13.47 17.92 2.25
N ARG A 76 13.76 17.56 3.49
CA ARG A 76 14.71 16.47 3.76
C ARG A 76 14.15 15.52 4.80
N VAL A 77 13.99 14.25 4.40
CA VAL A 77 13.47 13.21 5.29
C VAL A 77 14.61 12.71 6.18
N ASN A 78 14.28 12.35 7.42
CA ASN A 78 15.28 11.83 8.35
C ASN A 78 15.52 10.35 8.03
N ILE A 79 16.41 10.09 7.08
CA ILE A 79 16.69 8.73 6.64
C ILE A 79 17.76 8.11 7.54
N ILE A 80 17.49 6.91 8.04
CA ILE A 80 18.46 6.16 8.84
C ILE A 80 19.44 5.48 7.89
N GLU A 81 20.73 5.84 8.00
CA GLU A 81 21.74 5.14 7.22
C GLU A 81 22.27 3.99 8.06
N TYR A 82 21.98 2.76 7.61
CA TYR A 82 22.32 1.57 8.38
C TYR A 82 23.41 0.80 7.64
N LYS A 83 24.54 0.60 8.30
CA LYS A 83 25.64 -0.20 7.76
C LYS A 83 25.52 -1.61 8.30
N ALA A 84 25.34 -2.57 7.39
CA ALA A 84 24.93 -3.92 7.79
C ALA A 84 26.14 -4.76 8.23
N LYS A 85 25.82 -5.87 8.90
CA LYS A 85 26.85 -6.75 9.45
C LYS A 85 27.55 -7.58 8.38
N ASN A 86 26.92 -7.81 7.23
CA ASN A 86 27.45 -8.71 6.22
C ASN A 86 27.53 -7.99 4.87
N PRO A 87 28.29 -8.54 3.92
CA PRO A 87 28.32 -7.93 2.58
C PRO A 87 26.95 -8.01 1.90
N ALA A 88 26.78 -7.18 0.87
CA ALA A 88 25.49 -7.09 0.17
C ALA A 88 25.02 -8.46 -0.34
N ALA A 89 25.95 -9.35 -0.71
CA ALA A 89 25.55 -10.66 -1.21
C ALA A 89 24.76 -11.45 -0.19
N HIS A 90 24.88 -11.13 1.11
CA HIS A 90 24.12 -11.81 2.15
C HIS A 90 22.63 -11.48 2.10
N TYR A 91 22.24 -10.42 1.39
CA TYR A 91 20.85 -9.95 1.39
C TYR A 91 20.33 -9.81 -0.04
N PRO A 92 20.21 -10.92 -0.77
CA PRO A 92 19.72 -10.85 -2.15
C PRO A 92 18.20 -10.81 -2.22
N TYR A 93 17.70 -10.54 -3.44
CA TYR A 93 16.27 -10.60 -3.69
C TYR A 93 15.69 -11.96 -3.29
N GLU A 94 16.34 -13.04 -3.72
CA GLU A 94 15.85 -14.39 -3.49
C GLU A 94 16.39 -14.96 -2.18
N ASN A 95 15.95 -16.17 -1.83
CA ASN A 95 16.54 -16.98 -0.75
C ASN A 95 16.61 -16.21 0.57
N GLY A 96 15.51 -15.55 0.93
CA GLY A 96 15.38 -14.96 2.24
C GLY A 96 16.22 -13.73 2.53
N GLY A 97 16.75 -13.06 1.51
CA GLY A 97 17.55 -11.87 1.76
C GLY A 97 16.77 -10.79 2.51
N GLY A 98 15.51 -10.57 2.13
CA GLY A 98 14.71 -9.55 2.78
C GLY A 98 14.43 -9.89 4.23
N TRP A 99 14.08 -11.15 4.49
CA TRP A 99 13.86 -11.58 5.87
C TRP A 99 15.12 -11.39 6.71
N LYS A 100 16.29 -11.71 6.15
CA LYS A 100 17.53 -11.53 6.93
C LYS A 100 17.78 -10.06 7.22
N ALA A 101 17.53 -9.18 6.24
CA ALA A 101 17.70 -7.75 6.48
C ALA A 101 16.71 -7.25 7.54
N ALA A 102 15.46 -7.67 7.45
CA ALA A 102 14.46 -7.22 8.43
C ALA A 102 14.83 -7.69 9.83
N GLN A 103 15.25 -8.94 9.98
CA GLN A 103 15.68 -9.44 11.29
C GLN A 103 16.80 -8.58 11.86
N GLU A 104 17.76 -8.21 11.02
CA GLU A 104 18.87 -7.41 11.49
C GLU A 104 18.41 -6.03 11.92
N LEU A 105 17.46 -5.43 11.18
CA LEU A 105 16.95 -4.12 11.57
C LEU A 105 16.12 -4.21 12.86
N ASP A 106 15.43 -5.33 13.08
CA ASP A 106 14.77 -5.55 14.37
C ASP A 106 15.76 -5.41 15.52
N GLU A 107 16.93 -6.03 15.38
CA GLU A 107 17.95 -5.91 16.43
C GLU A 107 18.41 -4.47 16.58
N PHE A 108 18.64 -3.78 15.46
CA PHE A 108 19.03 -2.38 15.51
C PHE A 108 18.00 -1.55 16.26
N PHE A 109 16.71 -1.76 15.96
CA PHE A 109 15.69 -0.95 16.63
C PHE A 109 15.51 -1.36 18.08
N LYS A 110 15.79 -2.62 18.42
CA LYS A 110 15.76 -2.99 19.83
C LYS A 110 16.87 -2.28 20.60
N ALA A 111 18.04 -2.13 19.98
CA ALA A 111 19.14 -1.43 20.63
C ALA A 111 18.96 0.09 20.61
N HIS A 112 18.22 0.61 19.63
CA HIS A 112 18.01 2.05 19.47
C HIS A 112 16.54 2.34 19.25
N PRO A 113 15.71 2.11 20.26
CA PRO A 113 14.26 2.29 20.08
C PRO A 113 13.86 3.72 19.76
N ASP A 114 14.69 4.71 20.09
CA ASP A 114 14.34 6.10 19.78
C ASP A 114 14.28 6.35 18.29
N ARG A 115 14.91 5.51 17.47
CA ARG A 115 14.90 5.72 16.04
CA ARG A 115 14.91 5.68 16.04
C ARG A 115 13.71 5.05 15.35
N LYS A 116 12.90 4.28 16.07
CA LYS A 116 11.74 3.61 15.50
C LYS A 116 10.49 4.44 15.80
N LYS A 117 9.76 4.83 14.75
CA LYS A 117 8.60 5.71 14.87
C LYS A 117 7.28 5.06 14.50
N SER A 118 7.30 3.79 14.14
CA SER A 118 6.09 3.01 13.86
C SER A 118 6.53 1.58 13.58
N GLN A 119 5.54 0.72 13.37
CA GLN A 119 5.78 -0.67 13.02
C GLN A 119 6.04 -0.87 11.51
N HIS A 120 6.06 0.22 10.73
CA HIS A 120 6.24 0.16 9.29
C HIS A 120 7.59 0.76 8.89
N THR A 121 8.35 0.02 8.09
CA THR A 121 9.66 0.46 7.62
C THR A 121 9.78 0.24 6.12
N LEU A 122 10.31 1.26 5.44
CA LEU A 122 10.71 1.15 4.04
C LEU A 122 12.23 1.05 4.01
N ILE A 123 12.72 -0.08 3.50
CA ILE A 123 14.15 -0.38 3.45
C ILE A 123 14.61 -0.22 2.02
N ILE A 124 15.60 0.65 1.80
CA ILE A 124 16.07 0.96 0.45
C ILE A 124 17.53 0.54 0.36
N MET A 125 17.86 -0.25 -0.66
CA MET A 125 19.22 -0.74 -0.87
C MET A 125 19.75 -0.33 -2.24
N PRO A 126 21.00 0.10 -2.33
CA PRO A 126 21.59 0.39 -3.64
C PRO A 126 21.60 -0.84 -4.54
N THR A 127 21.44 -0.60 -5.84
CA THR A 127 21.54 -1.69 -6.80
C THR A 127 22.87 -2.41 -6.67
N TRP A 128 22.86 -3.69 -7.03
CA TRP A 128 24.13 -4.35 -7.25
C TRP A 128 24.75 -3.85 -8.55
N ASN A 129 26.07 -4.04 -8.67
CA ASN A 129 26.79 -3.68 -9.88
C ASN A 129 27.63 -4.89 -10.26
N ASP A 130 27.13 -5.70 -11.19
CA ASP A 130 27.83 -6.91 -11.59
C ASP A 130 27.48 -7.19 -13.04
N GLU A 131 27.61 -8.45 -13.45
CA GLU A 131 27.36 -8.78 -14.85
C GLU A 131 25.88 -8.76 -15.21
N LYS A 132 24.99 -8.72 -14.22
CA LYS A 132 23.55 -8.70 -14.46
C LYS A 132 22.95 -7.33 -14.24
N ASN A 133 23.32 -6.67 -13.14
CA ASN A 133 22.65 -5.46 -12.69
C ASN A 133 23.64 -4.30 -12.61
N GLY A 134 23.12 -3.09 -12.75
CA GLY A 134 23.93 -1.90 -12.71
C GLY A 134 23.08 -0.66 -12.85
N PRO A 135 23.72 0.50 -13.01
CA PRO A 135 22.95 1.75 -13.09
C PRO A 135 21.96 1.80 -14.25
N ASP A 136 22.17 1.01 -15.31
CA ASP A 136 21.22 0.96 -16.42
C ASP A 136 20.19 -0.16 -16.27
N ASN A 137 20.42 -1.10 -15.37
CA ASN A 137 19.48 -2.20 -15.11
C ASN A 137 19.56 -2.55 -13.65
N PRO A 138 18.91 -1.76 -12.79
CA PRO A 138 19.05 -1.95 -11.35
C PRO A 138 18.43 -3.25 -10.89
N GLY A 139 19.00 -3.81 -9.84
CA GLY A 139 18.44 -5.00 -9.24
C GLY A 139 19.44 -5.69 -8.33
N GLY A 140 19.08 -6.93 -7.96
CA GLY A 140 19.88 -7.75 -7.09
C GLY A 140 19.40 -7.79 -5.65
N VAL A 141 18.55 -6.84 -5.25
CA VAL A 141 18.23 -6.60 -3.86
C VAL A 141 16.75 -6.92 -3.65
N PRO A 142 16.33 -7.13 -2.39
CA PRO A 142 14.90 -7.32 -2.11
C PRO A 142 14.07 -6.17 -2.68
N PHE A 143 12.90 -6.52 -3.23
CA PHE A 143 12.05 -5.53 -3.88
C PHE A 143 10.62 -6.08 -3.81
N TYR A 144 9.97 -5.79 -2.68
CA TYR A 144 8.65 -6.32 -2.39
C TYR A 144 8.16 -5.78 -1.05
N GLY A 145 6.84 -5.70 -0.90
CA GLY A 145 6.27 -5.65 0.43
C GLY A 145 6.51 -6.96 1.17
N MET A 146 6.69 -6.84 2.48
CA MET A 146 6.88 -8.02 3.33
C MET A 146 6.35 -7.68 4.72
N GLY A 147 5.12 -8.13 5.00
CA GLY A 147 4.52 -7.74 6.27
C GLY A 147 4.29 -6.24 6.27
N ARG A 148 4.61 -5.61 7.40
CA ARG A 148 4.49 -4.15 7.52
C ARG A 148 5.68 -3.42 6.92
N ASN A 149 6.62 -4.13 6.35
CA ASN A 149 7.80 -3.52 5.78
C ASN A 149 7.72 -3.58 4.26
N CYS A 150 8.59 -2.80 3.62
CA CYS A 150 8.70 -2.76 2.16
CA CYS A 150 8.75 -2.96 2.19
C CYS A 150 10.17 -2.61 1.80
N PHE A 151 10.60 -3.27 0.73
CA PHE A 151 11.96 -3.17 0.24
C PHE A 151 11.93 -2.54 -1.13
N ALA A 152 12.81 -1.56 -1.36
CA ALA A 152 12.95 -0.92 -2.65
C ALA A 152 14.44 -0.69 -2.92
N LEU A 153 14.76 -0.08 -4.06
CA LEU A 153 16.16 0.04 -4.44
C LEU A 153 16.49 1.46 -4.87
N ASP A 154 17.79 1.73 -4.96
CA ASP A 154 18.32 3.01 -5.35
C ASP A 154 19.35 2.81 -6.46
N TYR A 155 19.50 3.83 -7.31
CA TYR A 155 20.48 3.84 -8.38
C TYR A 155 20.69 5.30 -8.80
N PRO A 156 21.76 5.60 -9.54
CA PRO A 156 22.12 7.02 -9.74
C PRO A 156 21.01 7.87 -10.37
N ALA A 157 20.31 7.34 -11.38
CA ALA A 157 19.23 8.08 -12.05
C ALA A 157 17.89 7.95 -11.34
N PHE A 158 17.86 7.42 -10.12
CA PHE A 158 16.63 7.38 -9.32
C PHE A 158 16.41 8.79 -8.79
N ASP A 159 15.74 9.62 -9.59
CA ASP A 159 15.68 11.06 -9.37
C ASP A 159 14.37 11.59 -9.96
N ILE A 160 13.64 12.41 -9.19
CA ILE A 160 12.33 12.86 -9.61
C ILE A 160 12.39 13.71 -10.88
N LYS A 161 13.58 14.20 -11.24
CA LYS A 161 13.67 15.02 -12.46
C LYS A 161 13.31 14.24 -13.71
N HIS A 162 13.36 12.91 -13.66
CA HIS A 162 13.02 12.10 -14.82
C HIS A 162 11.53 11.76 -14.89
N LEU A 163 10.73 12.23 -13.93
CA LEU A 163 9.33 11.82 -13.85
C LEU A 163 8.58 12.20 -15.12
N GLY A 164 8.00 11.20 -15.79
CA GLY A 164 7.21 11.44 -16.97
C GLY A 164 7.98 11.79 -18.22
N GLN A 165 9.32 11.84 -18.15
CA GLN A 165 10.11 12.10 -19.34
C GLN A 165 10.13 10.89 -20.25
N LYS A 166 9.96 11.13 -21.56
CA LYS A 166 10.02 10.05 -22.55
C LYS A 166 11.48 9.72 -22.91
N THR A 167 12.20 9.22 -21.91
CA THR A 167 13.62 8.92 -22.05
C THR A 167 13.91 7.57 -21.40
N ARG A 168 15.12 7.07 -21.65
CA ARG A 168 15.57 5.84 -20.99
C ARG A 168 15.47 5.96 -19.47
N GLU A 169 15.85 7.13 -18.93
CA GLU A 169 15.82 7.32 -17.49
C GLU A 169 14.39 7.50 -16.98
N GLY A 170 13.52 8.13 -17.78
CA GLY A 170 12.13 8.29 -17.37
C GLY A 170 11.39 6.96 -17.37
N ARG A 171 11.68 6.11 -18.36
CA ARG A 171 11.10 4.77 -18.36
C ARG A 171 11.60 3.94 -17.19
N LEU A 172 12.90 4.02 -16.87
CA LEU A 172 13.44 3.36 -15.70
C LEU A 172 12.74 3.82 -14.44
N LEU A 173 12.46 5.12 -14.34
CA LEU A 173 11.82 5.66 -13.15
C LEU A 173 10.41 5.12 -13.00
N THR A 174 9.65 5.03 -14.09
CA THR A 174 8.30 4.49 -13.90
C THR A 174 8.34 3.07 -13.41
N LYS A 175 9.34 2.28 -13.85
CA LYS A 175 9.49 0.92 -13.36
C LYS A 175 9.85 0.86 -11.88
N TRP A 176 10.85 1.62 -11.45
CA TRP A 176 11.38 1.44 -10.11
C TRP A 176 10.76 2.36 -9.08
N TYR A 177 10.27 3.52 -9.50
CA TYR A 177 9.51 4.40 -8.62
C TYR A 177 8.04 3.98 -8.58
N GLY A 178 7.46 3.68 -9.74
CA GLY A 178 6.15 3.06 -9.73
C GLY A 178 6.15 1.77 -8.94
N GLY A 179 7.22 1.00 -9.08
CA GLY A 179 7.37 -0.20 -8.27
C GLY A 179 7.38 0.11 -6.79
N MET A 180 8.20 1.09 -6.38
CA MET A 180 8.24 1.45 -4.98
CA MET A 180 8.24 1.48 -4.98
C MET A 180 6.87 1.90 -4.49
N ALA A 181 6.14 2.65 -5.31
CA ALA A 181 4.83 3.15 -4.89
C ALA A 181 3.87 2.01 -4.60
N HIS A 182 3.87 0.99 -5.47
CA HIS A 182 3.00 -0.18 -5.31
C HIS A 182 3.47 -1.06 -4.17
N GLU A 183 4.78 -1.37 -4.11
CA GLU A 183 5.28 -2.19 -3.03
C GLU A 183 5.09 -1.51 -1.68
N LEU A 184 5.21 -0.18 -1.62
CA LEU A 184 4.95 0.50 -0.36
C LEU A 184 3.50 0.33 0.03
N GLY A 185 2.59 0.38 -0.96
CA GLY A 185 1.20 0.08 -0.69
C GLY A 185 1.01 -1.24 0.03
N HIS A 186 1.72 -2.27 -0.43
CA HIS A 186 1.66 -3.57 0.23
C HIS A 186 2.15 -3.46 1.67
N GLY A 187 3.27 -2.76 1.89
CA GLY A 187 3.74 -2.56 3.24
C GLY A 187 2.77 -1.79 4.13
N LEU A 188 1.94 -0.94 3.52
CA LEU A 188 0.95 -0.14 4.26
C LEU A 188 -0.39 -0.89 4.44
N ASN A 189 -0.37 -2.22 4.29
CA ASN A 189 -1.51 -3.20 4.43
C ASN A 189 -2.41 -3.27 3.19
N LEU A 190 -1.97 -2.87 1.97
CA LEU A 190 -2.93 -2.93 0.86
C LEU A 190 -2.80 -4.21 0.07
N PRO A 191 -3.90 -4.89 -0.23
CA PRO A 191 -3.85 -5.99 -1.20
C PRO A 191 -4.00 -5.45 -2.61
N HIS A 192 -3.91 -6.35 -3.58
CA HIS A 192 -4.21 -5.96 -4.95
C HIS A 192 -5.69 -5.65 -5.12
N ASN A 193 -6.00 -4.75 -6.06
CA ASN A 193 -7.40 -4.55 -6.48
C ASN A 193 -7.42 -3.86 -7.82
N HIS A 194 -8.51 -4.05 -8.56
CA HIS A 194 -8.72 -3.49 -9.90
C HIS A 194 -9.74 -2.37 -9.81
N GLN A 195 -9.50 -1.30 -10.59
CA GLN A 195 -10.46 -0.21 -10.66
C GLN A 195 -11.82 -0.69 -11.17
N THR A 196 -12.87 0.01 -10.77
CA THR A 196 -14.18 -0.21 -11.39
C THR A 196 -14.18 0.34 -12.81
N ALA A 197 -15.16 -0.10 -13.60
CA ALA A 197 -15.32 0.44 -14.94
C ALA A 197 -15.36 1.97 -14.93
N SER A 198 -16.21 2.54 -14.08
CA SER A 198 -16.38 3.99 -14.05
C SER A 198 -15.11 4.70 -13.57
N ASP A 199 -14.48 4.18 -12.52
CA ASP A 199 -13.27 4.85 -12.01
C ASP A 199 -12.14 4.76 -13.02
N GLY A 200 -12.04 3.65 -13.75
CA GLY A 200 -11.01 3.54 -14.77
C GLY A 200 -11.13 4.62 -15.82
N LYS A 201 -12.37 4.90 -16.26
CA LYS A 201 -12.54 5.91 -17.29
C LYS A 201 -12.22 7.31 -16.80
N LYS A 202 -12.49 7.60 -15.53
CA LYS A 202 -12.25 8.95 -15.01
C LYS A 202 -10.85 9.13 -14.42
N TYR A 203 -10.29 8.12 -13.78
CA TYR A 203 -9.07 8.31 -13.02
C TYR A 203 -7.90 7.44 -13.47
N GLY A 204 -8.12 6.43 -14.29
CA GLY A 204 -7.03 5.66 -14.87
C GLY A 204 -6.88 4.28 -14.24
N THR A 205 -5.69 3.98 -13.73
CA THR A 205 -5.30 2.66 -13.26
C THR A 205 -5.13 2.68 -11.75
N ALA A 206 -5.71 1.68 -11.08
CA ALA A 206 -5.51 1.55 -9.63
C ALA A 206 -4.04 1.28 -9.32
N LEU A 207 -3.48 2.01 -8.34
CA LEU A 207 -2.09 1.80 -7.94
C LEU A 207 -1.83 0.34 -7.58
N MET A 208 -2.76 -0.28 -6.86
CA MET A 208 -2.55 -1.63 -6.38
C MET A 208 -3.06 -2.70 -7.35
N GLY A 209 -3.24 -2.34 -8.62
CA GLY A 209 -3.57 -3.34 -9.63
C GLY A 209 -2.40 -4.27 -9.89
N SER A 210 -2.72 -5.48 -10.36
CA SER A 210 -1.69 -6.52 -10.52
C SER A 210 -0.91 -6.38 -11.82
N GLY A 211 -1.27 -5.45 -12.70
CA GLY A 211 -0.56 -5.27 -13.95
C GLY A 211 0.74 -4.53 -13.78
N ASN A 212 1.24 -4.01 -14.90
CA ASN A 212 2.51 -3.30 -14.88
C ASN A 212 2.37 -1.98 -14.13
N TYR A 213 3.47 -1.54 -13.52
CA TYR A 213 3.46 -0.30 -12.75
C TYR A 213 3.13 0.87 -13.66
N THR A 214 2.23 1.76 -13.21
CA THR A 214 1.83 2.92 -14.01
C THR A 214 2.24 4.26 -13.40
N PHE A 215 2.60 4.28 -12.12
CA PHE A 215 2.81 5.52 -11.39
C PHE A 215 3.82 6.42 -12.07
N GLY A 216 3.42 7.67 -12.32
CA GLY A 216 4.29 8.65 -12.93
C GLY A 216 4.30 8.65 -14.45
N THR A 217 3.66 7.70 -15.10
CA THR A 217 3.60 7.61 -16.56
C THR A 217 2.20 7.77 -17.12
N SER A 218 1.20 7.14 -16.51
CA SER A 218 -0.19 7.28 -16.94
C SER A 218 -1.04 7.50 -15.69
N PRO A 219 -2.27 8.05 -15.85
CA PRO A 219 -3.08 8.36 -14.67
C PRO A 219 -3.25 7.17 -13.73
N THR A 220 -2.88 7.40 -12.47
CA THR A 220 -2.88 6.37 -11.43
C THR A 220 -3.61 6.94 -10.23
N PHE A 221 -4.36 6.10 -9.52
CA PHE A 221 -5.13 6.57 -8.38
C PHE A 221 -5.25 5.46 -7.36
N LEU A 222 -5.74 5.81 -6.18
CA LEU A 222 -6.05 4.83 -5.14
C LEU A 222 -7.57 4.64 -5.05
N THR A 223 -8.01 3.38 -4.99
CA THR A 223 -9.42 3.06 -4.95
C THR A 223 -10.03 3.44 -3.61
N PRO A 224 -11.36 3.58 -3.56
CA PRO A 224 -12.02 3.73 -2.25
C PRO A 224 -11.65 2.63 -1.25
N ALA A 225 -11.57 1.37 -1.71
CA ALA A 225 -11.21 0.29 -0.79
C ALA A 225 -9.78 0.45 -0.28
N SER A 226 -8.85 0.86 -1.14
CA SER A 226 -7.48 1.08 -0.69
C SER A 226 -7.44 2.17 0.37
N CYS A 227 -8.15 3.27 0.12
CA CYS A 227 -8.14 4.38 1.06
C CYS A 227 -8.82 4.01 2.38
N ALA A 228 -9.82 3.12 2.33
CA ALA A 228 -10.43 2.67 3.58
C ALA A 228 -9.45 1.87 4.43
N LEU A 229 -8.56 1.10 3.79
CA LEU A 229 -7.52 0.41 4.54
C LEU A 229 -6.48 1.39 5.08
N LEU A 230 -6.06 2.37 4.26
CA LEU A 230 -5.09 3.36 4.72
C LEU A 230 -5.64 4.19 5.88
N ASP A 231 -6.95 4.44 5.87
CA ASP A 231 -7.60 5.14 6.99
C ASP A 231 -7.29 4.47 8.32
N ALA A 232 -7.15 3.15 8.31
CA ALA A 232 -6.86 2.36 9.52
C ALA A 232 -5.42 1.86 9.54
N CYS A 233 -4.52 2.50 8.80
CA CYS A 233 -3.11 2.16 8.83
C CYS A 233 -2.37 2.99 9.88
N GLU A 234 -1.45 2.33 10.61
CA GLU A 234 -0.80 2.99 11.75
C GLU A 234 -0.15 4.31 11.37
N VAL A 235 0.56 4.36 10.25
CA VAL A 235 1.30 5.59 9.91
C VAL A 235 0.43 6.64 9.26
N PHE A 236 -0.88 6.39 9.11
CA PHE A 236 -1.82 7.46 8.77
C PHE A 236 -2.57 7.99 9.99
N SER A 237 -2.23 7.51 11.19
CA SER A 237 -2.96 7.88 12.39
C SER A 237 -2.73 9.34 12.76
N VAL A 238 -3.82 10.02 13.11
CA VAL A 238 -3.78 11.35 13.72
C VAL A 238 -4.30 11.30 15.15
N THR A 239 -4.28 10.12 15.76
CA THR A 239 -4.91 9.85 17.05
C THR A 239 -3.90 9.11 17.92
N PRO A 240 -3.08 9.82 18.70
CA PRO A 240 -2.05 9.14 19.49
C PRO A 240 -2.57 8.03 20.38
N SER A 241 -3.80 8.14 20.90
CA SER A 241 -4.32 7.13 21.81
C SER A 241 -4.68 5.82 21.11
N GLN A 242 -4.74 5.79 19.78
CA GLN A 242 -5.11 4.56 19.08
C GLN A 242 -3.89 3.67 18.91
N GLN A 243 -3.95 2.45 19.46
CA GLN A 243 -2.92 1.46 19.24
CA GLN A 243 -2.93 1.43 19.27
C GLN A 243 -3.26 0.61 18.02
N PHE A 244 -2.22 0.14 17.33
CA PHE A 244 -2.41 -0.60 16.09
C PHE A 244 -1.84 -2.01 16.16
N TYR A 245 -2.61 -2.95 15.60
CA TYR A 245 -2.21 -4.29 15.21
C TYR A 245 -2.09 -5.25 16.38
N GLU A 246 -2.48 -4.85 17.58
CA GLU A 246 -2.42 -5.71 18.75
CA GLU A 246 -2.39 -5.74 18.72
C GLU A 246 -3.59 -6.68 18.76
N GLY A 247 -3.36 -7.88 19.28
CA GLY A 247 -4.46 -8.83 19.43
C GLY A 247 -4.90 -9.48 18.11
N LYS A 248 -6.18 -9.81 18.05
CA LYS A 248 -6.78 -10.50 16.93
C LYS A 248 -7.96 -9.72 16.42
N PRO A 249 -8.34 -9.89 15.15
CA PRO A 249 -9.54 -9.21 14.63
C PRO A 249 -10.79 -9.94 15.08
N GLU A 250 -11.61 -9.30 15.91
CA GLU A 250 -12.84 -9.88 16.42
C GLU A 250 -14.02 -9.15 15.79
N VAL A 251 -14.67 -9.80 14.83
CA VAL A 251 -15.91 -9.29 14.23
C VAL A 251 -16.87 -10.46 14.11
N GLU A 252 -18.05 -10.32 14.70
CA GLU A 252 -19.13 -11.28 14.51
C GLU A 252 -20.00 -10.77 13.36
N VAL A 253 -20.12 -11.56 12.30
CA VAL A 253 -20.95 -11.21 11.15
C VAL A 253 -22.11 -12.19 11.09
N GLY A 254 -23.34 -11.67 10.99
CA GLY A 254 -24.51 -12.52 11.00
C GLY A 254 -25.55 -12.09 9.98
N ASP A 255 -26.45 -13.03 9.71
CA ASP A 255 -27.56 -12.81 8.78
CA ASP A 255 -27.56 -12.81 8.78
C ASP A 255 -27.05 -12.29 7.43
N VAL A 256 -25.95 -12.86 6.96
CA VAL A 256 -25.39 -12.45 5.68
C VAL A 256 -26.32 -12.90 4.57
N ALA A 257 -26.64 -11.99 3.66
CA ALA A 257 -27.44 -12.29 2.47
C ALA A 257 -26.77 -11.64 1.27
N ILE A 258 -26.58 -12.43 0.21
CA ILE A 258 -26.10 -11.94 -1.07
C ILE A 258 -27.11 -12.37 -2.12
N SER A 259 -27.73 -11.41 -2.80
CA SER A 259 -28.80 -11.68 -3.76
CA SER A 259 -28.76 -11.72 -3.78
C SER A 259 -28.49 -11.00 -5.10
N PHE A 260 -29.06 -11.56 -6.16
CA PHE A 260 -28.85 -11.09 -7.52
C PHE A 260 -30.21 -10.74 -8.12
N LYS A 261 -30.35 -9.51 -8.59
CA LYS A 261 -31.59 -9.05 -9.19
C LYS A 261 -31.20 -8.21 -10.41
N GLY A 262 -31.48 -8.73 -11.60
CA GLY A 262 -31.02 -8.07 -12.80
C GLY A 262 -29.51 -7.91 -12.75
N ASP A 263 -29.05 -6.69 -12.98
CA ASP A 263 -27.62 -6.40 -12.97
C ASP A 263 -27.13 -5.89 -11.62
N GLN A 264 -27.91 -6.07 -10.56
CA GLN A 264 -27.51 -5.63 -9.23
C GLN A 264 -27.15 -6.80 -8.34
N ILE A 265 -26.07 -6.64 -7.58
CA ILE A 265 -25.65 -7.58 -6.54
C ILE A 265 -25.92 -6.90 -5.21
N LEU A 266 -26.76 -7.52 -4.38
CA LEU A 266 -27.18 -6.93 -3.11
C LEU A 266 -26.52 -7.69 -1.96
N VAL A 267 -25.73 -6.98 -1.15
CA VAL A 267 -24.99 -7.57 -0.04
C VAL A 267 -25.45 -6.92 1.24
N SER A 268 -25.82 -7.74 2.23
CA SER A 268 -26.34 -7.19 3.49
C SER A 268 -26.05 -8.14 4.65
N GLY A 269 -26.17 -7.61 5.86
CA GLY A 269 -25.94 -8.40 7.06
C GLY A 269 -25.78 -7.47 8.25
N ASN A 270 -25.37 -8.04 9.37
CA ASN A 270 -25.07 -7.24 10.55
C ASN A 270 -23.69 -7.59 11.06
N TYR A 271 -23.15 -6.69 11.87
CA TYR A 271 -21.81 -6.85 12.40
C TYR A 271 -21.77 -6.41 13.85
N LYS A 272 -20.80 -6.93 14.59
CA LYS A 272 -20.55 -6.53 15.96
C LYS A 272 -19.09 -6.82 16.29
N SER A 273 -18.45 -5.87 16.97
CA SER A 273 -17.05 -5.99 17.35
C SER A 273 -16.82 -5.25 18.65
N PRO A 274 -15.82 -5.65 19.45
CA PRO A 274 -15.41 -4.80 20.58
C PRO A 274 -14.71 -3.53 20.14
N GLN A 275 -14.18 -3.49 18.92
CA GLN A 275 -13.61 -2.29 18.34
C GLN A 275 -14.62 -1.60 17.44
N THR A 276 -14.39 -0.32 17.20
CA THR A 276 -15.08 0.35 16.11
C THR A 276 -14.72 -0.33 14.80
N VAL A 277 -15.73 -0.69 14.01
CA VAL A 277 -15.52 -1.21 12.66
C VAL A 277 -15.54 0.00 11.73
N LYS A 278 -14.40 0.28 11.10
CA LYS A 278 -14.29 1.51 10.31
C LYS A 278 -15.08 1.41 9.01
N ALA A 279 -14.99 0.26 8.35
CA ALA A 279 -15.51 0.17 6.99
C ALA A 279 -15.66 -1.29 6.57
N LEU A 280 -16.48 -1.48 5.54
CA LEU A 280 -16.60 -2.74 4.82
C LEU A 280 -16.01 -2.56 3.44
N ASN A 281 -15.05 -3.41 3.07
CA ASN A 281 -14.60 -3.51 1.69
C ASN A 281 -15.19 -4.77 1.09
N VAL A 282 -15.66 -4.69 -0.15
CA VAL A 282 -16.15 -5.87 -0.86
C VAL A 282 -15.28 -6.08 -2.09
N TYR A 283 -14.78 -7.31 -2.26
CA TYR A 283 -13.94 -7.68 -3.39
C TYR A 283 -14.66 -8.73 -4.22
N ILE A 284 -14.70 -8.52 -5.52
CA ILE A 284 -15.29 -9.51 -6.43
C ILE A 284 -14.19 -9.97 -7.38
N GLN A 285 -13.89 -11.27 -7.36
CA GLN A 285 -12.67 -11.77 -7.95
C GLN A 285 -12.92 -13.02 -8.77
N ASP A 286 -12.23 -13.13 -9.91
CA ASP A 286 -12.17 -14.36 -10.69
C ASP A 286 -11.17 -15.33 -10.06
N PRO A 287 -11.33 -16.63 -10.33
CA PRO A 287 -10.29 -17.61 -9.98
C PRO A 287 -9.00 -17.32 -10.73
N PRO A 288 -7.87 -17.92 -10.34
CA PRO A 288 -7.66 -18.92 -9.28
C PRO A 288 -7.55 -18.34 -7.88
N TYR A 289 -7.86 -19.19 -6.90
CA TYR A 289 -7.79 -18.81 -5.49
C TYR A 289 -6.75 -19.67 -4.77
N ASP A 294 -3.21 -15.41 -8.44
CA ASP A 294 -4.42 -14.64 -8.16
C ASP A 294 -4.52 -13.40 -9.06
N TYR A 295 -5.67 -13.22 -9.69
CA TYR A 295 -5.92 -12.06 -10.53
C TYR A 295 -6.60 -10.97 -9.73
N ASP A 296 -6.46 -9.72 -10.18
CA ASP A 296 -6.95 -8.58 -9.42
C ASP A 296 -8.47 -8.62 -9.29
N ALA A 297 -8.94 -8.39 -8.07
CA ALA A 297 -10.35 -8.31 -7.73
C ALA A 297 -10.85 -6.88 -7.85
N VAL A 298 -12.09 -6.70 -8.34
CA VAL A 298 -12.67 -5.36 -8.37
C VAL A 298 -13.26 -5.06 -7.00
N SER A 299 -12.94 -3.88 -6.46
CA SER A 299 -13.29 -3.61 -5.07
C SER A 299 -14.26 -2.45 -4.92
N PHE A 300 -14.95 -2.46 -3.77
CA PHE A 300 -15.94 -1.45 -3.39
C PHE A 300 -15.80 -1.22 -1.90
N SER A 301 -16.28 -0.07 -1.41
CA SER A 301 -16.11 0.21 0.00
C SER A 301 -17.28 1.03 0.52
N ARG A 302 -17.64 0.79 1.78
CA ARG A 302 -18.65 1.59 2.47
C ARG A 302 -18.21 1.86 3.90
N ARG A 303 -18.38 3.10 4.34
CA ARG A 303 -18.05 3.44 5.72
C ARG A 303 -19.06 2.80 6.66
N LEU A 304 -18.57 2.36 7.82
CA LEU A 304 -19.45 1.88 8.89
C LEU A 304 -19.33 2.81 10.09
N GLY A 305 -18.24 2.69 10.85
CA GLY A 305 -17.93 3.65 11.90
C GLY A 305 -18.58 3.38 13.24
N LYS A 306 -19.03 2.15 13.49
CA LYS A 306 -19.68 1.80 14.75
C LYS A 306 -19.15 0.45 15.24
N LYS A 307 -19.40 0.15 16.51
CA LYS A 307 -19.02 -1.16 17.02
C LYS A 307 -20.02 -2.25 16.65
N SER A 308 -21.26 -1.87 16.35
CA SER A 308 -22.31 -2.81 15.96
C SER A 308 -23.26 -2.10 15.02
N GLY A 309 -23.83 -2.84 14.08
CA GLY A 309 -24.83 -2.26 13.21
C GLY A 309 -25.17 -3.18 12.06
N LYS A 310 -25.81 -2.60 11.06
CA LYS A 310 -26.19 -3.30 9.84
C LYS A 310 -25.35 -2.77 8.70
N PHE A 311 -25.10 -3.62 7.71
CA PHE A 311 -24.42 -3.18 6.49
C PHE A 311 -25.26 -3.56 5.28
N SER A 312 -25.16 -2.73 4.26
CA SER A 312 -25.93 -2.90 3.03
C SER A 312 -25.14 -2.26 1.90
N MET A 313 -24.95 -3.00 0.82
CA MET A 313 -24.25 -2.48 -0.34
C MET A 313 -24.89 -3.07 -1.58
N LYS A 314 -25.16 -2.23 -2.57
CA LYS A 314 -25.63 -2.65 -3.88
C LYS A 314 -24.53 -2.37 -4.90
N ILE A 315 -24.17 -3.38 -5.67
CA ILE A 315 -23.06 -3.29 -6.62
C ILE A 315 -23.62 -3.54 -8.00
N ASP A 316 -23.26 -2.68 -8.95
CA ASP A 316 -23.68 -2.85 -10.34
C ASP A 316 -22.73 -3.79 -11.05
N LYS A 317 -23.28 -4.84 -11.67
CA LYS A 317 -22.46 -5.82 -12.37
C LYS A 317 -21.66 -5.17 -13.50
N LYS A 318 -22.19 -4.11 -14.12
CA LYS A 318 -21.46 -3.48 -15.20
C LYS A 318 -20.20 -2.76 -14.72
N GLU A 319 -20.02 -2.60 -13.41
CA GLU A 319 -18.77 -2.03 -12.93
C GLU A 319 -17.63 -3.04 -12.89
N LEU A 320 -17.90 -4.31 -13.14
CA LEU A 320 -16.92 -5.37 -12.89
C LEU A 320 -15.95 -5.52 -14.07
N GLU A 321 -15.23 -4.43 -14.35
CA GLU A 321 -14.36 -4.34 -15.52
C GLU A 321 -13.19 -5.33 -15.41
N GLY A 322 -13.02 -6.14 -16.44
CA GLY A 322 -11.93 -7.09 -16.47
C GLY A 322 -12.30 -8.48 -16.03
N LEU A 323 -13.34 -8.65 -15.22
CA LEU A 323 -13.72 -10.00 -14.84
C LEU A 323 -14.28 -10.73 -16.05
N ASN A 324 -13.90 -12.00 -16.18
CA ASN A 324 -14.37 -12.75 -17.35
C ASN A 324 -14.62 -14.22 -17.07
N ASN A 325 -14.68 -14.66 -15.82
CA ASN A 325 -14.86 -16.07 -15.52
C ASN A 325 -16.31 -16.34 -15.14
N ASN A 326 -16.80 -17.52 -15.53
CA ASN A 326 -18.12 -17.95 -15.06
C ASN A 326 -18.18 -18.00 -13.54
N GLU A 327 -17.08 -18.42 -12.91
CA GLU A 327 -16.98 -18.54 -11.47
C GLU A 327 -16.46 -17.23 -10.90
N PHE A 328 -17.05 -16.79 -9.79
CA PHE A 328 -16.55 -15.59 -9.14
C PHE A 328 -16.75 -15.72 -7.64
N ARG A 329 -15.98 -14.93 -6.89
CA ARG A 329 -16.00 -14.99 -5.44
C ARG A 329 -16.22 -13.59 -4.92
N ILE A 330 -17.12 -13.45 -3.95
CA ILE A 330 -17.35 -12.17 -3.27
C ILE A 330 -16.75 -12.29 -1.88
N SER A 331 -15.89 -11.34 -1.52
CA SER A 331 -15.25 -11.35 -0.22
C SER A 331 -15.70 -10.11 0.53
N LEU A 332 -16.11 -10.29 1.78
CA LEU A 332 -16.52 -9.19 2.65
C LEU A 332 -15.42 -8.98 3.68
N MET A 333 -14.82 -7.79 3.68
CA MET A 333 -13.68 -7.49 4.56
C MET A 333 -14.07 -6.39 5.54
N PHE A 334 -14.03 -6.69 6.83
CA PHE A 334 -14.39 -5.74 7.86
C PHE A 334 -13.10 -5.18 8.46
N ILE A 335 -12.93 -3.86 8.39
CA ILE A 335 -11.71 -3.16 8.77
C ILE A 335 -11.91 -2.54 10.14
N LEU A 336 -11.01 -2.86 11.07
CA LEU A 336 -11.13 -2.42 12.46
C LEU A 336 -10.27 -1.20 12.74
N ALA A 337 -10.59 -0.47 13.83
CA ALA A 337 -9.92 0.79 14.09
C ALA A 337 -8.44 0.60 14.40
N ASN A 338 -8.03 -0.57 14.88
CA ASN A 338 -6.61 -0.83 15.13
C ASN A 338 -5.90 -1.43 13.93
N GLY A 339 -6.52 -1.40 12.76
CA GLY A 339 -5.83 -1.79 11.56
C GLY A 339 -5.84 -3.26 11.24
N LEU A 340 -6.38 -4.10 12.12
CA LEU A 340 -6.62 -5.48 11.72
C LEU A 340 -7.92 -5.58 10.92
N HIS A 341 -8.10 -6.69 10.24
CA HIS A 341 -9.34 -6.93 9.52
C HIS A 341 -9.63 -8.41 9.44
N MET A 342 -10.87 -8.72 9.11
CA MET A 342 -11.26 -10.10 8.88
C MET A 342 -12.11 -10.17 7.63
N GLN A 343 -12.11 -11.35 6.99
CA GLN A 343 -12.79 -11.54 5.72
C GLN A 343 -13.63 -12.79 5.76
N LYS A 344 -14.75 -12.76 5.03
CA LYS A 344 -15.56 -13.93 4.72
C LYS A 344 -15.74 -14.00 3.21
N HIS A 345 -15.74 -15.22 2.65
CA HIS A 345 -15.77 -15.43 1.21
C HIS A 345 -16.97 -16.26 0.79
N PHE A 346 -17.52 -15.94 -0.38
CA PHE A 346 -18.67 -16.65 -0.94
C PHE A 346 -18.48 -16.84 -2.44
N THR A 347 -18.73 -18.04 -2.94
CA THR A 347 -18.44 -18.37 -4.33
C THR A 347 -19.74 -18.59 -5.10
N PHE A 348 -19.78 -18.13 -6.35
CA PHE A 348 -20.96 -18.18 -7.19
C PHE A 348 -20.56 -18.49 -8.62
N HIS A 349 -21.57 -18.76 -9.46
CA HIS A 349 -21.37 -18.98 -10.89
C HIS A 349 -22.42 -18.21 -11.67
N TRP A 350 -21.97 -17.44 -12.68
CA TRP A 350 -22.89 -16.57 -13.41
C TRP A 350 -23.95 -17.37 -14.15
N ASP A 351 -23.60 -18.57 -14.62
CA ASP A 351 -24.57 -19.36 -15.38
C ASP A 351 -25.49 -20.17 -14.48
N ALA A 352 -25.38 -20.03 -13.16
CA ALA A 352 -26.19 -20.78 -12.20
C ALA A 352 -26.26 -19.95 -10.92
N LEU A 353 -26.69 -18.71 -11.07
CA LEU A 353 -26.72 -17.79 -9.93
C LEU A 353 -27.70 -18.28 -8.89
N GLN A 354 -27.24 -18.32 -7.64
CA GLN A 354 -28.06 -18.74 -6.51
C GLN A 354 -27.89 -17.73 -5.39
N ASP A 355 -28.98 -17.08 -4.99
CA ASP A 355 -28.96 -16.20 -3.83
C ASP A 355 -28.44 -16.95 -2.60
N TYR A 356 -27.61 -16.28 -1.82
CA TYR A 356 -27.03 -16.84 -0.60
C TYR A 356 -27.70 -16.25 0.63
N ARG A 357 -28.00 -17.10 1.62
CA ARG A 357 -28.36 -16.64 2.95
C ARG A 357 -27.74 -17.58 3.99
N ASP A 358 -27.23 -17.00 5.08
CA ASP A 358 -26.73 -17.79 6.20
C ASP A 358 -27.79 -18.77 6.68
N GLY A 359 -27.34 -19.95 7.08
CA GLY A 359 -28.21 -20.90 7.73
C GLY A 359 -28.59 -20.40 9.11
C1 EDO B . 3.35 -6.42 -8.77
O1 EDO B . 2.28 -6.68 -7.85
C2 EDO B . 2.79 -6.26 -10.18
O2 EDO B . 3.88 -6.02 -11.09
C1 EDO C . 1.75 14.20 -6.06
O1 EDO C . 1.62 15.63 -6.05
C2 EDO C . 1.12 13.64 -7.33
O2 EDO C . -0.28 13.97 -7.36
C1 EDO D . 15.06 -6.15 -8.04
O1 EDO D . 16.14 -5.99 -7.11
C2 EDO D . 15.16 -7.49 -8.78
O2 EDO D . 16.52 -7.75 -9.13
C1 EDO E . 1.41 11.03 -10.17
O1 EDO E . 2.56 11.34 -10.97
C2 EDO E . 1.10 9.54 -10.23
O2 EDO E . 0.83 9.09 -11.57
C1 EDO F . -9.89 6.63 14.52
O1 EDO F . -10.32 5.28 14.32
C2 EDO F . -8.75 6.64 15.52
O2 EDO F . -9.15 5.97 16.72
C1 EDO G . -20.58 -20.08 -0.52
O1 EDO G . -19.47 -20.26 -1.41
C2 EDO G . -21.67 -19.22 -1.15
O2 EDO G . -22.38 -19.98 -2.14
C1 EDO H . 9.01 20.87 -0.34
O1 EDO H . 10.44 20.95 -0.21
C2 EDO H . 8.56 19.43 -0.14
O2 EDO H . 8.04 19.29 1.21
ZN ZN I . 1.72 -6.37 -5.88
#